data_8BE6
#
_entry.id   8BE6
#
_cell.length_a   142.317
_cell.length_b   142.317
_cell.length_c   207.583
_cell.angle_alpha   90.000
_cell.angle_beta   90.000
_cell.angle_gamma   90.000
#
_symmetry.space_group_name_H-M   'I 4 2 2'
#
loop_
_entity.id
_entity.type
_entity.pdbx_description
1 polymer 'GTPase HRas'
2 polymer 'Son of sevenless homolog 1'
3 polymer SOS1-HRas-peptidomimetic2
4 water water
#
loop_
_entity_poly.entity_id
_entity_poly.type
_entity_poly.pdbx_seq_one_letter_code
_entity_poly.pdbx_strand_id
1 'polypeptide(L)'
;MGSSHHHHHHSSGLVPRGSHMTEYKLVVVGAGGVGKSALTIQLIQNHFVDEYDPTIEDSYRKQVVIDGETCLLDILDTAG
QEEYSAMRDQYMRTGEGFLCVFAINNTKSFEDIHQYREQIKRVKDSDDVPMVLVGNKCDLAARTVESRQAQDLARSYGIP
YIETSAKTRQGVEDAFYTLVREIRQH
;
R
2 'polypeptide(L)'
;MGSSHHHHHHSSGLVPRGSHMEEQMRLPSADVYRFAEPDSEENIIFEENMQPKAGIPIIKAGTVIKLIERLTYHMYADPN
FVRTFLTTYRSFCKPQELLSLIIERFEIPEPEPTEADRIAIENGDQPLSAELKRFRKEYIQPVQLRVLNVCRHWVEHHFY
DFERDAYLLQRMEEFIGTVRGKAMKKWVESITKIIQRKKIARDNGPGHNITFQSSPPTVEWHISRPGHIETFDLLTLHPI
EIARQLTLLESDLYRAVQPSELVGSVWTKEDKEINSPNLLKMIRHTTNLTLWFEKCIVETENLEERVAVVSRIIEILQVF
QELNNFNGVLEVVSAMNSSPVYRLDHTFEQIPSRQKKILEEAHELSEDHYKKYLAKLRSINPPCVPFFGIYLTNILKTEE
GNPEVLKRHGKELINFSKRRKVAEITGEIQQYQNQPYCLRVESDIKRFFENLNPMGNSMEKEFTDYLFNKSLEIEPRNPK
PLPRFPKKYSYPLKSPGVRPSNPRPGT
;
S
3 'polypeptide(L)' (DAR)HPWSVA(NH2) P
#
loop_
_chem_comp.id
_chem_comp.type
_chem_comp.name
_chem_comp.formula
NH2 non-polymer 'AMINO GROUP' 'H2 N'
#
# COMPACT_ATOMS: atom_id res chain seq x y z
N MET A 21 22.04 -21.05 13.97
CA MET A 21 21.85 -21.31 12.55
C MET A 21 21.97 -20.04 11.73
N THR A 22 22.12 -20.21 10.42
CA THR A 22 22.28 -19.08 9.51
C THR A 22 20.93 -18.60 8.99
N GLU A 23 20.82 -17.28 8.83
CA GLU A 23 19.60 -16.64 8.37
C GLU A 23 19.87 -15.97 7.03
N TYR A 24 19.02 -16.26 6.05
CA TYR A 24 19.19 -15.78 4.68
C TYR A 24 18.11 -14.77 4.34
N LYS A 25 18.56 -13.58 3.92
CA LYS A 25 17.68 -12.47 3.56
C LYS A 25 17.41 -12.51 2.05
N LEU A 26 16.23 -12.96 1.66
CA LEU A 26 15.85 -13.03 0.25
C LEU A 26 14.92 -11.89 -0.10
N VAL A 27 15.02 -11.41 -1.35
CA VAL A 27 14.15 -10.33 -1.84
C VAL A 27 13.51 -10.78 -3.14
N VAL A 28 12.20 -10.53 -3.26
CA VAL A 28 11.44 -10.89 -4.46
C VAL A 28 11.19 -9.62 -5.26
N VAL A 29 11.77 -9.54 -6.45
CA VAL A 29 11.58 -8.38 -7.33
C VAL A 29 10.91 -8.84 -8.61
N GLY A 30 9.96 -8.03 -9.09
CA GLY A 30 9.26 -8.34 -10.31
C GLY A 30 8.10 -7.39 -10.53
N ALA A 31 7.63 -7.29 -11.76
CA ALA A 31 6.52 -6.38 -12.05
C ALA A 31 5.25 -6.89 -11.38
N GLY A 32 4.45 -5.96 -10.86
CA GLY A 32 3.24 -6.29 -10.17
C GLY A 32 2.07 -6.44 -11.12
N GLY A 33 0.91 -6.75 -10.54
CA GLY A 33 -0.30 -6.96 -11.32
C GLY A 33 -0.48 -8.36 -11.85
N VAL A 34 0.57 -9.19 -11.84
CA VAL A 34 0.51 -10.57 -12.33
C VAL A 34 0.57 -11.56 -11.20
N GLY A 35 0.38 -11.12 -9.95
CA GLY A 35 0.30 -12.03 -8.83
C GLY A 35 1.60 -12.72 -8.46
N LYS A 36 2.71 -11.98 -8.42
CA LYS A 36 3.97 -12.56 -7.94
C LYS A 36 3.88 -12.94 -6.46
N SER A 37 2.99 -12.30 -5.71
CA SER A 37 2.82 -12.62 -4.30
C SER A 37 2.45 -14.09 -4.07
N ALA A 38 2.04 -14.80 -5.12
CA ALA A 38 1.78 -16.23 -4.97
C ALA A 38 3.04 -17.01 -4.62
N LEU A 39 4.21 -16.52 -5.05
CA LEU A 39 5.44 -17.26 -4.80
C LEU A 39 5.70 -17.41 -3.31
N THR A 40 5.89 -16.28 -2.61
CA THR A 40 6.21 -16.35 -1.20
C THR A 40 5.11 -17.06 -0.42
N ILE A 41 3.85 -16.64 -0.62
CA ILE A 41 2.72 -17.20 0.12
C ILE A 41 2.74 -18.72 0.04
N GLN A 42 2.79 -19.28 -1.16
CA GLN A 42 2.72 -20.73 -1.31
C GLN A 42 3.83 -21.44 -0.55
N LEU A 43 4.96 -20.77 -0.33
CA LEU A 43 6.08 -21.42 0.36
C LEU A 43 5.80 -21.54 1.85
N ILE A 44 5.79 -20.41 2.57
CA ILE A 44 5.61 -20.43 4.00
C ILE A 44 4.16 -20.69 4.41
N GLN A 45 3.23 -20.63 3.45
CA GLN A 45 1.90 -21.18 3.70
C GLN A 45 2.03 -22.68 3.86
N ASN A 46 2.34 -23.13 5.08
CA ASN A 46 2.46 -24.57 5.32
C ASN A 46 1.22 -25.25 4.75
N HIS A 47 1.46 -26.19 3.84
CA HIS A 47 0.45 -26.52 2.85
C HIS A 47 -0.73 -27.25 3.50
N PHE A 48 -1.81 -27.36 2.71
CA PHE A 48 -3.09 -27.89 3.17
C PHE A 48 -3.75 -26.89 4.11
N VAL A 49 -3.01 -25.83 4.44
CA VAL A 49 -3.56 -24.57 4.97
C VAL A 49 -3.72 -23.61 3.81
N ASP A 50 -4.84 -22.89 3.78
CA ASP A 50 -5.04 -21.82 2.83
C ASP A 50 -5.28 -20.48 3.50
N GLU A 51 -5.24 -20.42 4.83
CA GLU A 51 -5.36 -19.16 5.56
C GLU A 51 -4.00 -18.47 5.61
N TYR A 52 -4.01 -17.16 5.37
CA TYR A 52 -2.79 -16.35 5.35
C TYR A 52 -3.07 -15.02 6.02
N ASP A 53 -2.11 -14.56 6.82
CA ASP A 53 -2.20 -13.28 7.51
C ASP A 53 -0.84 -12.59 7.48
N PRO A 54 -0.67 -11.57 6.63
CA PRO A 54 0.65 -10.98 6.45
C PRO A 54 1.07 -10.03 7.57
N THR A 55 0.60 -10.29 8.79
CA THR A 55 0.94 -9.45 9.93
C THR A 55 1.76 -10.17 10.98
N ILE A 56 2.01 -11.47 10.83
CA ILE A 56 2.80 -12.24 11.78
C ILE A 56 4.22 -12.36 11.25
N GLU A 57 5.18 -12.51 12.16
CA GLU A 57 6.54 -12.84 11.73
C GLU A 57 6.56 -14.14 10.94
N ASP A 58 5.70 -15.09 11.30
CA ASP A 58 5.66 -16.36 10.58
C ASP A 58 5.23 -16.18 9.13
N SER A 59 4.66 -14.99 8.78
CA SER A 59 4.15 -14.73 7.45
C SER A 59 5.24 -14.33 6.46
N TYR A 60 6.51 -14.19 6.92
CA TYR A 60 7.62 -14.00 6.00
C TYR A 60 8.91 -14.64 6.50
N ARG A 61 8.87 -15.47 7.54
CA ARG A 61 10.04 -16.18 8.02
C ARG A 61 9.70 -17.67 8.10
N LYS A 62 10.66 -18.52 7.74
CA LYS A 62 10.44 -19.95 7.80
C LYS A 62 11.76 -20.67 7.88
N GLN A 63 11.87 -21.61 8.80
CA GLN A 63 13.09 -22.41 8.94
C GLN A 63 12.97 -23.66 8.07
N VAL A 64 13.96 -23.88 7.22
CA VAL A 64 14.00 -25.06 6.37
C VAL A 64 15.40 -25.66 6.41
N VAL A 65 15.45 -26.94 6.07
CA VAL A 65 16.71 -27.65 5.92
C VAL A 65 16.98 -27.82 4.43
N ILE A 66 18.11 -27.29 3.97
CA ILE A 66 18.53 -27.37 2.58
C ILE A 66 19.86 -28.11 2.54
N ASP A 67 19.91 -29.19 1.76
CA ASP A 67 21.12 -30.00 1.63
C ASP A 67 21.69 -30.36 3.00
N GLY A 68 20.81 -30.77 3.92
CA GLY A 68 21.21 -31.17 5.25
C GLY A 68 21.50 -30.04 6.22
N GLU A 69 21.80 -28.84 5.74
CA GLU A 69 22.09 -27.72 6.62
C GLU A 69 20.82 -26.95 6.94
N THR A 70 20.63 -26.62 8.21
CA THR A 70 19.45 -25.90 8.65
C THR A 70 19.68 -24.40 8.51
N CYS A 71 18.66 -23.68 8.02
CA CYS A 71 18.75 -22.24 7.90
C CYS A 71 17.36 -21.65 7.99
N LEU A 72 17.31 -20.33 8.15
CA LEU A 72 16.07 -19.60 8.32
C LEU A 72 15.94 -18.58 7.19
N LEU A 73 14.95 -18.77 6.32
CA LEU A 73 14.67 -17.86 5.23
C LEU A 73 13.78 -16.72 5.72
N ASP A 74 14.25 -15.48 5.55
CA ASP A 74 13.42 -14.29 5.72
C ASP A 74 13.20 -13.67 4.34
N ILE A 75 11.95 -13.60 3.91
CA ILE A 75 11.60 -13.28 2.54
C ILE A 75 10.88 -11.93 2.52
N LEU A 76 11.44 -10.97 1.78
CA LEU A 76 10.83 -9.66 1.62
C LEU A 76 10.17 -9.58 0.24
N ASP A 77 8.84 -9.45 0.24
CA ASP A 77 8.04 -9.31 -0.97
C ASP A 77 7.21 -8.05 -0.83
N THR A 78 7.67 -6.95 -1.43
CA THR A 78 6.94 -5.69 -1.36
C THR A 78 5.79 -5.66 -2.36
N ALA A 79 4.93 -6.68 -2.33
CA ALA A 79 3.83 -6.73 -3.28
C ALA A 79 2.87 -5.58 -3.03
N GLY A 80 2.33 -5.01 -4.12
CA GLY A 80 1.42 -3.90 -4.03
C GLY A 80 2.07 -2.52 -4.03
N GLN A 81 3.33 -2.42 -3.61
CA GLN A 81 4.02 -1.14 -3.56
C GLN A 81 4.82 -0.85 -4.83
N GLU A 82 4.45 -1.45 -5.96
CA GLU A 82 5.21 -1.27 -7.19
C GLU A 82 5.34 0.21 -7.56
N GLU A 83 4.37 1.04 -7.18
CA GLU A 83 4.40 2.45 -7.53
C GLU A 83 5.39 3.25 -6.69
N TYR A 84 5.75 2.77 -5.50
CA TYR A 84 6.84 3.40 -4.75
C TYR A 84 8.16 3.02 -5.40
N SER A 85 8.38 3.48 -6.63
CA SER A 85 9.57 3.05 -7.36
C SER A 85 10.85 3.56 -6.71
N ALA A 86 10.85 4.82 -6.28
CA ALA A 86 12.05 5.41 -5.70
C ALA A 86 12.49 4.70 -4.43
N MET A 87 11.69 3.77 -3.91
CA MET A 87 12.07 3.01 -2.74
C MET A 87 12.76 1.70 -3.08
N ARG A 88 12.61 1.22 -4.32
CA ARG A 88 13.15 -0.09 -4.68
C ARG A 88 14.57 -0.26 -4.18
N ASP A 89 15.45 0.71 -4.49
CA ASP A 89 16.83 0.63 -4.03
C ASP A 89 16.90 0.25 -2.55
N GLN A 90 16.31 1.08 -1.67
CA GLN A 90 16.27 0.73 -0.26
C GLN A 90 15.88 -0.73 -0.07
N TYR A 91 14.70 -1.11 -0.56
CA TYR A 91 14.25 -2.49 -0.42
C TYR A 91 15.30 -3.47 -0.94
N MET A 92 15.83 -3.23 -2.14
CA MET A 92 16.79 -4.15 -2.72
C MET A 92 18.10 -4.17 -1.93
N ARG A 93 18.37 -3.13 -1.19
CA ARG A 93 19.65 -3.16 -0.47
C ARG A 93 19.49 -4.02 0.77
N THR A 94 18.30 -4.57 0.98
CA THR A 94 18.06 -5.41 2.15
C THR A 94 18.63 -6.80 1.98
N GLY A 95 18.63 -7.33 0.76
CA GLY A 95 18.83 -8.73 0.52
C GLY A 95 20.25 -9.10 0.11
N GLU A 96 20.55 -10.38 0.27
CA GLU A 96 21.75 -10.99 -0.27
C GLU A 96 21.46 -11.92 -1.43
N GLY A 97 20.18 -12.23 -1.67
CA GLY A 97 19.79 -13.07 -2.78
C GLY A 97 18.47 -12.60 -3.34
N PHE A 98 18.30 -12.72 -4.65
CA PHE A 98 17.15 -12.12 -5.32
C PHE A 98 16.45 -13.14 -6.20
N LEU A 99 15.12 -13.09 -6.17
CA LEU A 99 14.26 -13.85 -7.08
C LEU A 99 13.62 -12.85 -8.04
N CYS A 100 14.04 -12.90 -9.31
CA CYS A 100 13.47 -12.05 -10.34
C CYS A 100 12.32 -12.82 -10.98
N VAL A 101 11.09 -12.39 -10.72
CA VAL A 101 9.91 -13.16 -11.07
C VAL A 101 9.19 -12.50 -12.24
N PHE A 102 8.71 -13.33 -13.16
CA PHE A 102 7.87 -12.83 -14.25
C PHE A 102 6.72 -13.81 -14.46
N ALA A 103 5.62 -13.29 -15.00
CA ALA A 103 4.45 -14.10 -15.30
C ALA A 103 4.60 -14.73 -16.69
N ILE A 104 4.39 -16.04 -16.76
CA ILE A 104 4.54 -16.75 -18.02
C ILE A 104 3.50 -16.33 -19.05
N ASN A 105 2.38 -15.74 -18.60
CA ASN A 105 1.33 -15.27 -19.49
C ASN A 105 1.46 -13.79 -19.84
N ASN A 106 2.47 -13.09 -19.34
CA ASN A 106 2.60 -11.65 -19.49
C ASN A 106 3.99 -11.32 -19.99
N THR A 107 4.10 -10.92 -21.26
CA THR A 107 5.40 -10.73 -21.88
C THR A 107 6.14 -9.53 -21.31
N LYS A 108 5.42 -8.45 -21.00
CA LYS A 108 6.11 -7.24 -20.55
C LYS A 108 6.75 -7.47 -19.18
N SER A 109 6.14 -8.29 -18.33
CA SER A 109 6.77 -8.66 -17.07
C SER A 109 8.05 -9.44 -17.30
N PHE A 110 8.17 -10.12 -18.45
CA PHE A 110 9.41 -10.79 -18.79
C PHE A 110 10.45 -9.80 -19.32
N GLU A 111 9.99 -8.77 -20.05
CA GLU A 111 10.92 -7.79 -20.61
C GLU A 111 11.49 -6.87 -19.53
N ASP A 112 10.75 -6.65 -18.44
CA ASP A 112 11.26 -5.77 -17.38
C ASP A 112 12.42 -6.38 -16.57
N ILE A 113 12.68 -7.67 -16.76
CA ILE A 113 13.68 -8.36 -15.94
C ILE A 113 15.05 -7.73 -16.12
N HIS A 114 15.37 -7.28 -17.33
CA HIS A 114 16.72 -6.79 -17.60
C HIS A 114 17.05 -5.59 -16.73
N GLN A 115 16.18 -4.57 -16.73
CA GLN A 115 16.46 -3.42 -15.87
C GLN A 115 16.30 -3.78 -14.40
N TYR A 116 15.43 -4.73 -14.06
CA TYR A 116 15.40 -5.17 -12.67
C TYR A 116 16.78 -5.66 -12.24
N ARG A 117 17.41 -6.50 -13.07
CA ARG A 117 18.72 -7.03 -12.74
C ARG A 117 19.78 -5.94 -12.74
N GLU A 118 19.70 -4.99 -13.68
CA GLU A 118 20.65 -3.89 -13.67
C GLU A 118 20.59 -3.16 -12.34
N GLN A 119 19.37 -2.90 -11.86
CA GLN A 119 19.19 -2.19 -10.60
C GLN A 119 19.72 -2.99 -9.42
N ILE A 120 19.41 -4.29 -9.36
CA ILE A 120 19.95 -5.13 -8.30
C ILE A 120 21.47 -5.07 -8.30
N LYS A 121 22.08 -5.26 -9.48
CA LYS A 121 23.53 -5.18 -9.59
C LYS A 121 24.05 -3.83 -9.12
N ARG A 122 23.30 -2.77 -9.39
CA ARG A 122 23.81 -1.44 -9.05
C ARG A 122 23.73 -1.16 -7.55
N VAL A 123 22.71 -1.68 -6.87
CA VAL A 123 22.59 -1.36 -5.45
C VAL A 123 23.52 -2.24 -4.60
N LYS A 124 23.76 -3.47 -5.04
CA LYS A 124 24.69 -4.35 -4.34
C LYS A 124 26.13 -4.15 -4.80
N ASP A 125 26.37 -3.29 -5.78
CA ASP A 125 27.71 -2.97 -6.28
C ASP A 125 28.50 -4.24 -6.58
N SER A 126 27.96 -5.04 -7.49
CA SER A 126 28.56 -6.31 -7.86
C SER A 126 27.97 -6.80 -9.18
N ASP A 127 28.82 -7.39 -10.02
CA ASP A 127 28.36 -7.99 -11.26
C ASP A 127 27.89 -9.44 -11.08
N ASP A 128 28.20 -10.07 -9.95
CA ASP A 128 27.74 -11.42 -9.67
C ASP A 128 26.97 -11.38 -8.34
N VAL A 129 25.68 -11.11 -8.43
CA VAL A 129 24.79 -11.15 -7.28
C VAL A 129 24.08 -12.50 -7.27
N PRO A 130 23.95 -13.14 -6.11
CA PRO A 130 23.17 -14.38 -6.06
C PRO A 130 21.70 -14.15 -6.38
N MET A 131 21.26 -14.65 -7.53
CA MET A 131 19.87 -14.45 -7.91
C MET A 131 19.44 -15.57 -8.85
N VAL A 132 18.14 -15.83 -8.87
CA VAL A 132 17.54 -16.78 -9.80
C VAL A 132 16.37 -16.11 -10.50
N LEU A 133 16.16 -16.52 -11.75
CA LEU A 133 15.06 -16.05 -12.57
C LEU A 133 13.96 -17.10 -12.52
N VAL A 134 12.76 -16.69 -12.09
CA VAL A 134 11.66 -17.63 -11.92
C VAL A 134 10.43 -17.11 -12.64
N GLY A 135 9.76 -18.02 -13.35
CA GLY A 135 8.58 -17.67 -14.13
C GLY A 135 7.37 -18.36 -13.57
N ASN A 136 6.44 -17.58 -13.03
CA ASN A 136 5.24 -18.12 -12.43
C ASN A 136 4.13 -18.21 -13.48
N LYS A 137 3.25 -19.20 -13.30
CA LYS A 137 2.18 -19.47 -14.26
C LYS A 137 0.87 -19.67 -13.51
N CYS A 138 -0.07 -18.74 -13.71
CA CYS A 138 -1.45 -18.97 -13.32
C CYS A 138 -2.20 -19.57 -14.51
N ASP A 139 -3.01 -20.60 -14.24
CA ASP A 139 -3.48 -21.46 -15.30
C ASP A 139 -4.49 -20.77 -16.22
N LEU A 140 -5.32 -19.86 -15.68
CA LEU A 140 -6.46 -19.37 -16.44
C LEU A 140 -6.07 -18.57 -17.68
N ALA A 141 -4.79 -18.25 -17.85
CA ALA A 141 -4.32 -17.55 -19.05
C ALA A 141 -3.48 -18.50 -19.91
N ALA A 142 -3.10 -18.00 -21.08
CA ALA A 142 -2.32 -18.76 -22.04
C ALA A 142 -0.89 -18.25 -22.06
N ARG A 143 0.06 -19.18 -22.17
CA ARG A 143 1.47 -18.84 -22.11
C ARG A 143 1.88 -18.02 -23.33
N THR A 144 2.53 -16.88 -23.08
CA THR A 144 3.08 -16.06 -24.14
C THR A 144 4.61 -15.97 -24.09
N VAL A 145 5.23 -16.51 -23.04
CA VAL A 145 6.68 -16.58 -22.93
C VAL A 145 7.06 -18.05 -22.92
N GLU A 146 7.70 -18.52 -23.99
CA GLU A 146 8.07 -19.92 -24.07
C GLU A 146 9.24 -20.21 -23.14
N SER A 147 9.32 -21.46 -22.68
CA SER A 147 10.36 -21.83 -21.74
C SER A 147 11.76 -21.60 -22.31
N ARG A 148 11.90 -21.72 -23.64
CA ARG A 148 13.24 -21.62 -24.25
C ARG A 148 13.81 -20.22 -24.12
N GLN A 149 13.01 -19.18 -24.41
CA GLN A 149 13.57 -17.84 -24.37
C GLN A 149 13.93 -17.44 -22.95
N ALA A 150 13.16 -17.89 -21.95
CA ALA A 150 13.53 -17.62 -20.56
C ALA A 150 14.78 -18.38 -20.17
N GLN A 151 14.91 -19.63 -20.61
CA GLN A 151 16.15 -20.38 -20.39
C GLN A 151 17.33 -19.65 -21.00
N ASP A 152 17.16 -19.10 -22.19
CA ASP A 152 18.24 -18.38 -22.87
C ASP A 152 18.62 -17.12 -22.12
N LEU A 153 17.62 -16.34 -21.68
CA LEU A 153 17.91 -15.14 -20.89
C LEU A 153 18.67 -15.50 -19.62
N ALA A 154 18.20 -16.52 -18.91
CA ALA A 154 18.88 -16.96 -17.70
C ALA A 154 20.32 -17.38 -17.99
N ARG A 155 20.54 -18.12 -19.09
CA ARG A 155 21.90 -18.50 -19.45
C ARG A 155 22.75 -17.27 -19.72
N SER A 156 22.19 -16.28 -20.40
CA SER A 156 22.96 -15.08 -20.71
C SER A 156 23.31 -14.31 -19.44
N TYR A 157 22.49 -14.39 -18.40
CA TYR A 157 22.82 -13.74 -17.14
C TYR A 157 23.68 -14.60 -16.22
N GLY A 158 23.85 -15.88 -16.53
CA GLY A 158 24.60 -16.76 -15.65
C GLY A 158 23.87 -17.18 -14.40
N ILE A 159 22.55 -17.31 -14.46
CA ILE A 159 21.73 -17.66 -13.30
C ILE A 159 20.78 -18.78 -13.68
N PRO A 160 20.25 -19.49 -12.70
CA PRO A 160 19.33 -20.60 -12.99
C PRO A 160 17.94 -20.11 -13.35
N TYR A 161 17.17 -21.02 -13.96
CA TYR A 161 15.79 -20.74 -14.30
C TYR A 161 14.90 -21.86 -13.78
N ILE A 162 13.86 -21.47 -13.03
CA ILE A 162 12.88 -22.42 -12.51
C ILE A 162 11.49 -21.87 -12.82
N GLU A 163 10.61 -22.74 -13.27
CA GLU A 163 9.22 -22.40 -13.53
C GLU A 163 8.35 -22.91 -12.39
N THR A 164 7.37 -22.09 -12.00
CA THR A 164 6.51 -22.38 -10.87
C THR A 164 5.04 -22.21 -11.29
N SER A 165 4.16 -22.85 -10.53
CA SER A 165 2.73 -22.79 -10.76
C SER A 165 2.05 -22.28 -9.50
N ALA A 166 1.22 -21.24 -9.65
CA ALA A 166 0.56 -20.58 -8.52
C ALA A 166 -0.64 -21.35 -7.98
N LYS A 167 -0.98 -22.50 -8.56
CA LYS A 167 -2.10 -23.29 -8.08
C LYS A 167 -1.74 -24.70 -7.65
N THR A 168 -0.53 -25.17 -7.95
CA THR A 168 -0.12 -26.53 -7.63
C THR A 168 1.11 -26.61 -6.73
N ARG A 169 1.67 -25.47 -6.31
CA ARG A 169 2.89 -25.42 -5.50
C ARG A 169 4.10 -26.02 -6.21
N GLN A 170 3.95 -26.44 -7.47
CA GLN A 170 5.07 -27.05 -8.18
C GLN A 170 6.16 -26.03 -8.45
N GLY A 171 7.39 -26.35 -8.04
CA GLY A 171 8.54 -25.52 -8.33
C GLY A 171 8.85 -24.45 -7.29
N VAL A 172 7.96 -24.21 -6.33
CA VAL A 172 8.21 -23.17 -5.34
C VAL A 172 9.41 -23.52 -4.49
N GLU A 173 9.39 -24.71 -3.88
CA GLU A 173 10.50 -25.15 -3.05
C GLU A 173 11.81 -25.11 -3.83
N ASP A 174 11.84 -25.69 -5.02
CA ASP A 174 13.04 -25.64 -5.85
C ASP A 174 13.48 -24.19 -6.07
N ALA A 175 12.54 -23.32 -6.39
CA ALA A 175 12.87 -21.92 -6.64
C ALA A 175 13.65 -21.32 -5.49
N PHE A 176 13.14 -21.47 -4.25
CA PHE A 176 13.84 -20.81 -3.14
C PHE A 176 15.12 -21.54 -2.75
N TYR A 177 15.07 -22.89 -2.74
CA TYR A 177 16.25 -23.67 -2.39
C TYR A 177 17.43 -23.33 -3.30
N THR A 178 17.19 -23.27 -4.62
CA THR A 178 18.31 -23.04 -5.53
C THR A 178 18.92 -21.65 -5.33
N LEU A 179 18.12 -20.66 -4.92
CA LEU A 179 18.71 -19.36 -4.58
C LEU A 179 19.58 -19.47 -3.33
N VAL A 180 19.13 -20.23 -2.33
CA VAL A 180 19.98 -20.42 -1.16
C VAL A 180 21.29 -21.08 -1.57
N ARG A 181 21.23 -22.06 -2.47
CA ARG A 181 22.44 -22.74 -2.91
C ARG A 181 23.34 -21.79 -3.71
N GLU A 182 22.75 -20.88 -4.50
CA GLU A 182 23.55 -19.88 -5.19
C GLU A 182 24.25 -18.95 -4.20
N ILE A 183 23.61 -18.69 -3.06
CA ILE A 183 24.23 -17.87 -2.02
C ILE A 183 25.41 -18.62 -1.40
N ARG A 184 25.21 -19.88 -1.02
CA ARG A 184 26.28 -20.65 -0.40
C ARG A 184 27.47 -20.82 -1.35
N GLN A 185 27.20 -21.24 -2.59
CA GLN A 185 28.24 -21.47 -3.59
C GLN A 185 28.86 -20.19 -4.11
N HIS A 186 28.53 -19.04 -3.54
CA HIS A 186 29.09 -17.77 -3.97
C HIS A 186 30.27 -17.38 -3.09
N LEU B 27 -42.98 -20.26 12.19
CA LEU B 27 -43.39 -20.94 10.96
C LEU B 27 -43.35 -20.02 9.74
N PRO B 28 -42.19 -19.95 9.08
CA PRO B 28 -42.09 -19.14 7.85
C PRO B 28 -42.58 -19.89 6.61
N SER B 29 -42.34 -19.31 5.44
CA SER B 29 -42.86 -19.87 4.20
C SER B 29 -42.13 -21.18 3.85
N ALA B 30 -42.57 -21.80 2.76
CA ALA B 30 -42.12 -23.14 2.41
C ALA B 30 -40.74 -23.18 1.76
N ASP B 31 -40.04 -22.03 1.68
CA ASP B 31 -38.70 -21.97 1.10
C ASP B 31 -38.75 -22.14 -0.41
N VAL B 32 -39.88 -22.60 -0.96
CA VAL B 32 -40.13 -22.50 -2.38
C VAL B 32 -40.64 -21.12 -2.76
N TYR B 33 -40.76 -20.22 -1.78
CA TYR B 33 -41.09 -18.81 -2.02
C TYR B 33 -40.19 -17.88 -1.24
N ARG B 34 -39.15 -18.40 -0.58
CA ARG B 34 -38.24 -17.60 0.22
C ARG B 34 -36.88 -18.26 0.25
N PHE B 35 -35.90 -17.54 0.78
CA PHE B 35 -34.66 -18.14 1.25
C PHE B 35 -34.75 -18.32 2.77
N ALA B 36 -35.68 -19.20 3.16
CA ALA B 36 -35.94 -19.53 4.54
C ALA B 36 -35.33 -20.87 4.95
N GLU B 37 -34.54 -21.48 4.08
CA GLU B 37 -33.87 -22.73 4.40
C GLU B 37 -33.08 -22.57 5.69
N PRO B 38 -33.32 -23.39 6.71
CA PRO B 38 -32.69 -23.15 8.01
C PRO B 38 -31.18 -23.30 7.96
N ASP B 39 -30.52 -22.60 8.87
CA ASP B 39 -29.07 -22.64 8.97
C ASP B 39 -28.55 -24.07 8.97
N SER B 40 -27.73 -24.41 7.98
CA SER B 40 -27.10 -25.71 7.89
C SER B 40 -25.60 -25.52 7.62
N GLU B 41 -24.86 -26.63 7.70
CA GLU B 41 -23.43 -26.57 7.43
C GLU B 41 -23.14 -26.26 5.96
N GLU B 42 -24.08 -26.55 5.06
CA GLU B 42 -23.99 -26.14 3.67
C GLU B 42 -24.46 -24.70 3.46
N ASN B 43 -24.78 -23.99 4.54
CA ASN B 43 -25.29 -22.63 4.47
C ASN B 43 -24.35 -21.62 5.12
N ILE B 44 -24.07 -21.74 6.42
CA ILE B 44 -23.28 -20.76 7.14
C ILE B 44 -22.34 -21.46 8.11
N ILE B 45 -21.15 -20.90 8.29
CA ILE B 45 -20.23 -21.29 9.35
C ILE B 45 -19.70 -20.03 10.03
N PHE B 46 -19.64 -20.07 11.35
CA PHE B 46 -19.21 -18.96 12.19
C PHE B 46 -17.81 -19.22 12.74
N GLU B 47 -17.24 -18.19 13.34
CA GLU B 47 -15.86 -18.21 13.83
C GLU B 47 -15.87 -18.51 15.33
N GLU B 48 -15.19 -19.59 15.71
CA GLU B 48 -15.13 -20.01 17.11
C GLU B 48 -14.38 -18.96 17.94
N GLY B 55 -22.47 -10.15 21.84
CA GLY B 55 -22.65 -11.59 21.83
C GLY B 55 -23.26 -12.09 20.53
N ILE B 56 -23.04 -11.35 19.46
CA ILE B 56 -23.60 -11.68 18.14
C ILE B 56 -22.63 -12.63 17.44
N PRO B 57 -23.13 -13.65 16.74
CA PRO B 57 -22.21 -14.60 16.07
C PRO B 57 -21.43 -13.92 14.95
N ILE B 58 -20.15 -14.26 14.87
CA ILE B 58 -19.26 -13.72 13.85
C ILE B 58 -19.30 -14.66 12.64
N ILE B 59 -19.94 -14.21 11.57
CA ILE B 59 -20.04 -15.04 10.37
C ILE B 59 -18.67 -15.16 9.71
N LYS B 60 -18.29 -16.37 9.34
CA LYS B 60 -17.04 -16.61 8.65
C LYS B 60 -17.22 -17.06 7.20
N ALA B 61 -18.24 -17.84 6.90
CA ALA B 61 -18.51 -18.20 5.52
C ALA B 61 -19.99 -18.52 5.36
N GLY B 62 -20.49 -18.35 4.15
CA GLY B 62 -21.88 -18.69 3.87
C GLY B 62 -22.38 -18.38 2.48
N THR B 63 -23.38 -19.14 2.03
CA THR B 63 -24.06 -18.82 0.79
C THR B 63 -24.60 -17.40 0.83
N VAL B 64 -24.58 -16.74 -0.33
CA VAL B 64 -24.95 -15.32 -0.38
C VAL B 64 -26.37 -15.12 0.11
N ILE B 65 -27.28 -16.05 -0.22
CA ILE B 65 -28.70 -15.87 0.11
C ILE B 65 -28.90 -15.88 1.62
N LYS B 66 -28.02 -16.55 2.36
CA LYS B 66 -28.03 -16.51 3.81
C LYS B 66 -27.11 -15.44 4.37
N LEU B 67 -26.09 -15.03 3.61
CA LEU B 67 -25.28 -13.89 4.02
C LEU B 67 -26.15 -12.65 4.17
N ILE B 68 -26.99 -12.36 3.18
CA ILE B 68 -27.88 -11.22 3.32
C ILE B 68 -28.95 -11.50 4.37
N GLU B 69 -29.33 -12.77 4.54
CA GLU B 69 -30.29 -13.12 5.59
C GLU B 69 -29.77 -12.66 6.95
N ARG B 70 -28.52 -12.98 7.25
CA ARG B 70 -27.91 -12.50 8.49
C ARG B 70 -27.69 -10.99 8.47
N LEU B 71 -27.48 -10.42 7.28
CA LEU B 71 -27.35 -8.97 7.19
C LEU B 71 -28.65 -8.28 7.56
N THR B 72 -29.79 -8.92 7.28
CA THR B 72 -31.09 -8.39 7.63
C THR B 72 -31.82 -9.33 8.58
N TYR B 73 -31.13 -9.77 9.63
CA TYR B 73 -31.71 -10.75 10.53
C TYR B 73 -32.81 -10.13 11.37
N HIS B 74 -33.78 -10.96 11.75
CA HIS B 74 -34.89 -10.54 12.60
C HIS B 74 -34.53 -10.58 14.08
N MET B 75 -33.65 -11.50 14.48
CA MET B 75 -33.31 -11.61 15.90
C MET B 75 -32.60 -10.36 16.40
N TYR B 76 -31.74 -9.76 15.58
CA TYR B 76 -30.93 -8.64 16.01
C TYR B 76 -30.42 -7.87 14.78
N ALA B 77 -30.05 -6.62 15.02
CA ALA B 77 -29.45 -5.77 14.00
C ALA B 77 -27.94 -5.70 14.23
N ASP B 78 -27.17 -5.96 13.17
CA ASP B 78 -25.71 -6.01 13.25
C ASP B 78 -25.12 -4.84 12.47
N PRO B 79 -24.85 -3.71 13.12
CA PRO B 79 -24.37 -2.53 12.36
C PRO B 79 -22.96 -2.70 11.82
N ASN B 80 -22.07 -3.39 12.54
CA ASN B 80 -20.73 -3.60 12.04
C ASN B 80 -20.69 -4.62 10.91
N PHE B 81 -21.54 -5.65 10.95
CA PHE B 81 -21.66 -6.53 9.80
C PHE B 81 -22.13 -5.77 8.57
N VAL B 82 -23.04 -4.82 8.75
CA VAL B 82 -23.47 -3.95 7.65
C VAL B 82 -22.29 -3.14 7.14
N ARG B 83 -21.58 -2.46 8.05
CA ARG B 83 -20.46 -1.61 7.64
C ARG B 83 -19.40 -2.41 6.90
N THR B 84 -19.18 -3.66 7.31
CA THR B 84 -18.17 -4.50 6.68
C THR B 84 -18.64 -5.05 5.34
N PHE B 85 -19.90 -5.48 5.26
CA PHE B 85 -20.42 -6.04 4.03
C PHE B 85 -20.48 -4.99 2.94
N LEU B 86 -21.11 -3.84 3.22
CA LEU B 86 -21.28 -2.86 2.16
C LEU B 86 -19.96 -2.26 1.70
N THR B 87 -18.88 -2.44 2.46
CA THR B 87 -17.59 -1.95 2.02
C THR B 87 -16.82 -2.97 1.19
N THR B 88 -17.13 -4.26 1.34
CA THR B 88 -16.31 -5.34 0.79
C THR B 88 -17.16 -6.40 0.10
N TYR B 89 -18.24 -6.00 -0.56
CA TYR B 89 -19.14 -6.96 -1.17
C TYR B 89 -18.96 -7.10 -2.68
N ARG B 90 -18.44 -6.06 -3.35
CA ARG B 90 -18.35 -6.08 -4.80
C ARG B 90 -17.47 -7.22 -5.33
N SER B 91 -16.65 -7.84 -4.47
CA SER B 91 -15.76 -8.91 -4.91
C SER B 91 -16.49 -10.24 -5.10
N PHE B 92 -17.69 -10.38 -4.55
CA PHE B 92 -18.47 -11.59 -4.74
C PHE B 92 -19.92 -11.31 -5.16
N CYS B 93 -20.28 -10.05 -5.39
CA CYS B 93 -21.64 -9.71 -5.77
C CYS B 93 -21.65 -8.35 -6.45
N LYS B 94 -22.38 -8.22 -7.55
CA LYS B 94 -22.50 -6.95 -8.23
C LYS B 94 -23.58 -6.10 -7.57
N PRO B 95 -23.43 -4.77 -7.58
CA PRO B 95 -24.46 -3.92 -6.95
C PRO B 95 -25.87 -4.22 -7.42
N GLN B 96 -26.06 -4.48 -8.72
CA GLN B 96 -27.40 -4.77 -9.24
C GLN B 96 -27.99 -6.01 -8.60
N GLU B 97 -27.25 -7.11 -8.58
CA GLU B 97 -27.78 -8.34 -8.00
C GLU B 97 -27.97 -8.21 -6.49
N LEU B 98 -27.17 -7.39 -5.81
CA LEU B 98 -27.41 -7.12 -4.40
C LEU B 98 -28.74 -6.40 -4.21
N LEU B 99 -28.97 -5.33 -4.97
CA LEU B 99 -30.27 -4.66 -4.88
C LEU B 99 -31.40 -5.64 -5.17
N SER B 100 -31.20 -6.51 -6.16
CA SER B 100 -32.23 -7.50 -6.49
C SER B 100 -32.53 -8.42 -5.31
N LEU B 101 -31.49 -9.00 -4.70
CA LEU B 101 -31.75 -9.96 -3.64
C LEU B 101 -32.22 -9.28 -2.35
N ILE B 102 -31.86 -8.02 -2.12
CA ILE B 102 -32.42 -7.36 -0.96
C ILE B 102 -33.89 -7.00 -1.18
N ILE B 103 -34.25 -6.67 -2.42
CA ILE B 103 -35.68 -6.53 -2.74
C ILE B 103 -36.39 -7.86 -2.54
N GLU B 104 -35.77 -8.96 -2.98
CA GLU B 104 -36.33 -10.29 -2.74
C GLU B 104 -36.49 -10.57 -1.25
N ARG B 105 -35.58 -10.03 -0.43
CA ARG B 105 -35.70 -10.17 1.02
C ARG B 105 -36.83 -9.32 1.58
N PHE B 106 -37.09 -8.15 0.98
CA PHE B 106 -38.11 -7.26 1.51
C PHE B 106 -39.53 -7.74 1.19
N GLU B 107 -39.70 -8.60 0.19
CA GLU B 107 -41.03 -9.02 -0.26
C GLU B 107 -41.31 -10.41 0.31
N ILE B 108 -41.97 -10.44 1.46
CA ILE B 108 -42.15 -11.65 2.25
C ILE B 108 -43.58 -12.16 2.05
N PRO B 109 -43.78 -13.41 1.65
CA PRO B 109 -45.13 -13.98 1.62
C PRO B 109 -45.47 -14.68 2.92
N GLU B 110 -46.76 -14.65 3.25
CA GLU B 110 -47.30 -15.21 4.49
C GLU B 110 -47.75 -16.66 4.27
N PRO B 111 -47.46 -17.56 5.22
CA PRO B 111 -47.80 -18.98 5.12
C PRO B 111 -49.31 -19.23 5.02
N LYS B 133 -50.33 -14.08 10.63
CA LYS B 133 -50.71 -14.01 12.04
C LYS B 133 -49.88 -12.94 12.78
N ARG B 134 -50.19 -12.75 14.06
CA ARG B 134 -49.49 -11.74 14.85
C ARG B 134 -48.00 -12.04 14.95
N PHE B 135 -47.65 -13.30 15.26
CA PHE B 135 -46.26 -13.72 15.29
C PHE B 135 -45.54 -13.31 14.01
N ARG B 136 -46.16 -13.59 12.87
CA ARG B 136 -45.48 -13.40 11.59
C ARG B 136 -45.39 -11.92 11.21
N LYS B 137 -46.36 -11.09 11.63
CA LYS B 137 -46.22 -9.66 11.39
C LYS B 137 -45.15 -9.06 12.29
N GLU B 138 -45.03 -9.56 13.52
CA GLU B 138 -43.92 -9.18 14.38
C GLU B 138 -42.59 -9.52 13.73
N TYR B 139 -42.50 -10.69 13.09
CA TYR B 139 -41.28 -11.08 12.39
C TYR B 139 -41.04 -10.18 11.17
N ILE B 140 -42.09 -9.88 10.40
CA ILE B 140 -41.93 -9.16 9.14
C ILE B 140 -41.48 -7.72 9.38
N GLN B 141 -42.03 -7.07 10.41
CA GLN B 141 -41.65 -5.69 10.68
C GLN B 141 -40.13 -5.48 10.72
N PRO B 142 -39.37 -6.14 11.60
CA PRO B 142 -37.95 -5.79 11.71
C PRO B 142 -37.11 -6.25 10.53
N VAL B 143 -37.52 -7.28 9.78
CA VAL B 143 -36.77 -7.67 8.60
C VAL B 143 -36.81 -6.55 7.56
N GLN B 144 -38.00 -6.02 7.29
CA GLN B 144 -38.12 -4.87 6.40
C GLN B 144 -37.37 -3.67 6.97
N LEU B 145 -37.41 -3.48 8.29
CA LEU B 145 -36.64 -2.39 8.89
C LEU B 145 -35.15 -2.54 8.58
N ARG B 146 -34.60 -3.72 8.79
CA ARG B 146 -33.19 -3.97 8.51
C ARG B 146 -32.88 -3.71 7.04
N VAL B 147 -33.74 -4.20 6.14
CA VAL B 147 -33.53 -3.96 4.71
C VAL B 147 -33.44 -2.46 4.42
N LEU B 148 -34.36 -1.69 4.99
CA LEU B 148 -34.36 -0.28 4.66
C LEU B 148 -33.19 0.46 5.30
N ASN B 149 -32.74 0.03 6.48
CA ASN B 149 -31.56 0.65 7.07
C ASN B 149 -30.30 0.26 6.31
N VAL B 150 -30.27 -0.94 5.72
CA VAL B 150 -29.16 -1.32 4.85
C VAL B 150 -29.14 -0.45 3.60
N CYS B 151 -30.30 -0.22 2.98
CA CYS B 151 -30.35 0.72 1.86
C CYS B 151 -29.87 2.11 2.29
N ARG B 152 -30.26 2.53 3.49
CA ARG B 152 -29.84 3.83 4.00
C ARG B 152 -28.31 3.90 4.10
N HIS B 153 -27.70 2.93 4.78
CA HIS B 153 -26.25 2.86 4.89
C HIS B 153 -25.60 2.83 3.51
N TRP B 154 -26.18 2.05 2.58
CA TRP B 154 -25.64 1.94 1.23
C TRP B 154 -25.57 3.30 0.55
N VAL B 155 -26.71 4.00 0.44
CA VAL B 155 -26.69 5.29 -0.24
C VAL B 155 -25.89 6.32 0.55
N GLU B 156 -25.73 6.12 1.86
CA GLU B 156 -25.02 7.09 2.69
C GLU B 156 -23.51 7.01 2.51
N HIS B 157 -22.92 5.85 2.83
CA HIS B 157 -21.48 5.73 2.88
C HIS B 157 -20.85 5.20 1.60
N HIS B 158 -21.65 4.61 0.70
CA HIS B 158 -21.13 4.03 -0.53
C HIS B 158 -21.95 4.49 -1.72
N PHE B 159 -22.11 5.80 -1.85
CA PHE B 159 -22.98 6.33 -2.89
C PHE B 159 -22.36 6.21 -4.28
N TYR B 160 -21.05 5.97 -4.37
CA TYR B 160 -20.42 5.88 -5.69
C TYR B 160 -21.07 4.80 -6.55
N ASP B 161 -21.47 3.68 -5.94
CA ASP B 161 -22.16 2.63 -6.68
C ASP B 161 -23.33 3.17 -7.50
N PHE B 162 -23.98 4.23 -7.01
CA PHE B 162 -25.12 4.81 -7.71
C PHE B 162 -24.73 5.94 -8.65
N GLU B 163 -23.57 6.56 -8.46
CA GLU B 163 -23.12 7.59 -9.39
C GLU B 163 -22.59 6.98 -10.68
N ARG B 164 -22.04 5.78 -10.60
CA ARG B 164 -21.52 5.04 -11.74
C ARG B 164 -22.59 4.21 -12.44
N ASP B 165 -23.75 4.04 -11.82
CA ASP B 165 -24.85 3.28 -12.42
C ASP B 165 -26.15 4.05 -12.17
N ALA B 166 -26.58 4.83 -13.17
CA ALA B 166 -27.80 5.62 -13.01
C ALA B 166 -29.02 4.72 -12.86
N TYR B 167 -29.03 3.58 -13.55
CA TYR B 167 -30.17 2.66 -13.44
C TYR B 167 -30.21 1.97 -12.08
N LEU B 168 -29.07 1.83 -11.41
CA LEU B 168 -29.10 1.34 -10.04
C LEU B 168 -29.83 2.32 -9.13
N LEU B 169 -29.58 3.61 -9.31
CA LEU B 169 -30.32 4.63 -8.56
C LEU B 169 -31.79 4.62 -8.95
N GLN B 170 -32.08 4.38 -10.23
CA GLN B 170 -33.47 4.27 -10.66
C GLN B 170 -34.17 3.13 -9.92
N ARG B 171 -33.53 1.97 -9.86
CA ARG B 171 -34.11 0.83 -9.15
C ARG B 171 -34.28 1.12 -7.66
N MET B 172 -33.30 1.80 -7.05
CA MET B 172 -33.42 2.14 -5.64
C MET B 172 -34.60 3.07 -5.39
N GLU B 173 -34.72 4.12 -6.21
CA GLU B 173 -35.82 5.06 -6.03
C GLU B 173 -37.16 4.39 -6.28
N GLU B 174 -37.25 3.52 -7.29
CA GLU B 174 -38.46 2.73 -7.48
C GLU B 174 -38.76 1.89 -6.25
N PHE B 175 -37.73 1.23 -5.69
CA PHE B 175 -37.95 0.32 -4.59
C PHE B 175 -38.44 1.04 -3.34
N ILE B 176 -37.87 2.22 -3.05
CA ILE B 176 -38.33 2.94 -1.87
C ILE B 176 -39.69 3.59 -2.09
N GLY B 177 -40.05 3.90 -3.34
CA GLY B 177 -41.39 4.33 -3.64
C GLY B 177 -42.43 3.24 -3.62
N THR B 178 -42.04 2.00 -3.31
CA THR B 178 -42.94 0.85 -3.28
C THR B 178 -43.36 0.46 -1.87
N VAL B 179 -42.58 0.81 -0.86
CA VAL B 179 -42.95 0.47 0.51
C VAL B 179 -44.30 1.07 0.85
N ARG B 180 -45.12 0.29 1.54
CA ARG B 180 -46.47 0.71 1.94
C ARG B 180 -46.58 0.68 3.46
N GLY B 181 -47.50 1.48 3.97
CA GLY B 181 -47.64 1.68 5.41
C GLY B 181 -47.18 3.07 5.80
N LYS B 182 -48.12 3.99 6.01
CA LYS B 182 -47.77 5.41 6.10
C LYS B 182 -46.71 5.68 7.16
N ALA B 183 -46.73 4.93 8.25
CA ALA B 183 -45.67 5.08 9.25
C ALA B 183 -44.31 4.76 8.64
N MET B 184 -44.20 3.61 7.98
CA MET B 184 -42.96 3.21 7.33
C MET B 184 -42.53 4.23 6.28
N LYS B 185 -43.50 4.83 5.57
CA LYS B 185 -43.12 5.77 4.51
C LYS B 185 -42.62 7.09 5.09
N LYS B 186 -43.28 7.58 6.14
CA LYS B 186 -42.76 8.72 6.89
C LYS B 186 -41.33 8.46 7.35
N TRP B 187 -41.03 7.21 7.70
CA TRP B 187 -39.65 6.88 8.08
C TRP B 187 -38.73 6.80 6.85
N VAL B 188 -39.27 6.45 5.69
CA VAL B 188 -38.51 6.30 4.44
C VAL B 188 -38.08 7.65 3.88
N GLU B 189 -38.86 8.70 4.17
CA GLU B 189 -38.49 10.02 3.70
C GLU B 189 -37.04 10.37 4.07
N SER B 190 -36.49 9.75 5.12
CA SER B 190 -35.11 10.02 5.49
C SER B 190 -34.15 9.55 4.41
N ILE B 191 -34.32 8.32 3.94
CA ILE B 191 -33.50 7.81 2.83
C ILE B 191 -33.70 8.67 1.59
N THR B 192 -34.95 9.07 1.34
CA THR B 192 -35.21 9.94 0.18
C THR B 192 -34.37 11.21 0.26
N LYS B 193 -34.36 11.85 1.44
CA LYS B 193 -33.62 13.10 1.59
C LYS B 193 -32.12 12.87 1.47
N ILE B 194 -31.61 11.75 1.99
CA ILE B 194 -30.18 11.45 1.82
C ILE B 194 -29.83 11.37 0.34
N ILE B 195 -30.65 10.66 -0.44
CA ILE B 195 -30.37 10.54 -1.88
C ILE B 195 -30.36 11.92 -2.53
N GLN B 196 -31.41 12.70 -2.29
CA GLN B 196 -31.46 14.04 -2.89
C GLN B 196 -30.24 14.87 -2.49
N ARG B 197 -29.79 14.74 -1.24
CA ARG B 197 -28.61 15.48 -0.82
C ARG B 197 -27.39 15.09 -1.63
N LYS B 198 -27.12 13.78 -1.74
CA LYS B 198 -25.89 13.36 -2.39
C LYS B 198 -25.93 13.53 -3.91
N LYS B 199 -27.11 13.70 -4.52
CA LYS B 199 -27.11 13.98 -5.95
C LYS B 199 -26.68 15.42 -6.26
N ILE B 200 -26.70 16.32 -5.28
CA ILE B 200 -26.30 17.70 -5.52
C ILE B 200 -25.14 18.10 -4.63
N ILE B 210 -12.39 23.63 12.69
CA ILE B 210 -11.81 23.04 13.89
C ILE B 210 -10.94 24.07 14.62
N THR B 211 -11.18 24.23 15.92
CA THR B 211 -10.47 25.21 16.73
C THR B 211 -9.45 24.47 17.61
N PHE B 212 -8.18 24.87 17.50
CA PHE B 212 -7.12 24.27 18.29
C PHE B 212 -6.92 25.05 19.59
N GLN B 213 -6.04 24.55 20.47
CA GLN B 213 -5.85 25.21 21.75
C GLN B 213 -5.26 26.60 21.56
N SER B 214 -4.02 26.66 21.09
CA SER B 214 -3.36 27.91 20.76
C SER B 214 -3.35 28.12 19.26
N SER B 215 -3.28 29.38 18.85
CA SER B 215 -3.19 29.69 17.43
C SER B 215 -1.97 28.99 16.84
N PRO B 216 -2.08 28.46 15.61
CA PRO B 216 -0.95 27.71 15.06
C PRO B 216 0.29 28.55 15.02
N PRO B 217 1.48 27.93 15.06
CA PRO B 217 2.72 28.70 15.12
C PRO B 217 2.95 29.51 13.85
N THR B 218 3.77 30.54 13.98
CA THR B 218 4.04 31.44 12.87
C THR B 218 4.73 30.69 11.73
N VAL B 219 4.40 31.08 10.50
CA VAL B 219 5.13 30.58 9.34
C VAL B 219 6.52 31.18 9.34
N GLU B 220 7.54 30.33 9.27
CA GLU B 220 8.93 30.77 9.36
C GLU B 220 9.54 30.94 7.98
N TRP B 221 10.39 31.95 7.84
CA TRP B 221 11.08 32.26 6.61
C TRP B 221 12.58 32.32 6.88
N HIS B 222 13.36 32.29 5.81
CA HIS B 222 14.82 32.25 5.95
C HIS B 222 15.50 33.22 4.99
N ILE B 223 15.82 32.76 3.79
CA ILE B 223 16.47 33.60 2.79
C ILE B 223 15.46 34.18 1.81
N SER B 224 14.42 33.42 1.47
CA SER B 224 13.39 33.91 0.57
C SER B 224 12.36 34.71 1.36
N ARG B 225 12.14 35.94 0.94
CA ARG B 225 11.09 36.73 1.54
C ARG B 225 9.74 36.36 0.91
N PRO B 226 8.67 36.38 1.70
CA PRO B 226 7.37 35.93 1.17
C PRO B 226 7.02 36.63 -0.13
N GLY B 227 6.39 35.88 -1.03
CA GLY B 227 6.06 36.37 -2.36
C GLY B 227 7.15 36.17 -3.39
N HIS B 228 8.40 36.00 -2.96
CA HIS B 228 9.52 35.73 -3.87
C HIS B 228 9.56 34.25 -4.19
N ILE B 229 8.60 33.83 -5.03
CA ILE B 229 8.51 32.41 -5.39
C ILE B 229 9.61 32.04 -6.37
N GLU B 230 10.11 32.99 -7.16
CA GLU B 230 11.18 32.69 -8.11
C GLU B 230 12.42 32.16 -7.40
N THR B 231 12.72 32.71 -6.22
CA THR B 231 13.90 32.35 -5.46
C THR B 231 13.67 31.19 -4.50
N PHE B 232 12.57 30.46 -4.67
CA PHE B 232 12.29 29.32 -3.80
C PHE B 232 13.17 28.13 -4.17
N ASP B 233 13.79 27.52 -3.17
CA ASP B 233 14.56 26.30 -3.36
C ASP B 233 14.83 25.70 -1.97
N LEU B 234 15.55 24.58 -1.96
CA LEU B 234 15.72 23.81 -0.73
C LEU B 234 16.45 24.62 0.34
N LEU B 235 17.51 25.33 -0.07
CA LEU B 235 18.29 26.14 0.85
C LEU B 235 17.74 27.55 1.01
N THR B 236 16.78 27.96 0.20
CA THR B 236 16.17 29.28 0.29
C THR B 236 15.05 29.32 1.33
N LEU B 237 14.19 28.31 1.34
CA LEU B 237 13.12 28.26 2.32
C LEU B 237 13.65 27.74 3.66
N HIS B 238 12.99 28.16 4.73
CA HIS B 238 13.34 27.66 6.05
C HIS B 238 13.05 26.15 6.13
N PRO B 239 13.97 25.35 6.65
CA PRO B 239 13.70 23.91 6.77
C PRO B 239 12.41 23.58 7.50
N ILE B 240 12.15 24.26 8.63
CA ILE B 240 10.94 23.97 9.40
C ILE B 240 9.70 24.13 8.53
N GLU B 241 9.62 25.24 7.80
CA GLU B 241 8.44 25.47 6.97
C GLU B 241 8.37 24.48 5.81
N ILE B 242 9.52 24.06 5.27
CA ILE B 242 9.51 23.02 4.25
C ILE B 242 8.84 21.76 4.78
N ALA B 243 9.32 21.27 5.93
CA ALA B 243 8.69 20.09 6.53
C ALA B 243 7.21 20.34 6.82
N ARG B 244 6.85 21.54 7.25
CA ARG B 244 5.47 21.83 7.59
C ARG B 244 4.57 21.75 6.36
N GLN B 245 4.90 22.51 5.32
CA GLN B 245 4.05 22.53 4.12
C GLN B 245 4.01 21.15 3.47
N LEU B 246 5.13 20.42 3.48
CA LEU B 246 5.10 19.07 2.95
C LEU B 246 4.21 18.17 3.78
N THR B 247 4.23 18.33 5.12
CA THR B 247 3.35 17.54 5.96
C THR B 247 1.89 17.86 5.67
N LEU B 248 1.56 19.13 5.49
CA LEU B 248 0.18 19.51 5.16
C LEU B 248 -0.26 18.89 3.85
N LEU B 249 0.55 19.05 2.80
CA LEU B 249 0.18 18.50 1.50
C LEU B 249 0.03 16.98 1.56
N GLU B 250 0.97 16.31 2.23
CA GLU B 250 0.92 14.86 2.29
C GLU B 250 -0.22 14.36 3.17
N SER B 251 -0.58 15.12 4.21
CA SER B 251 -1.74 14.76 5.02
C SER B 251 -3.03 14.92 4.23
N ASP B 252 -3.12 15.98 3.42
CA ASP B 252 -4.28 16.13 2.54
C ASP B 252 -4.33 15.00 1.52
N LEU B 253 -3.18 14.59 0.99
CA LEU B 253 -3.16 13.49 0.03
C LEU B 253 -3.56 12.17 0.70
N TYR B 254 -3.10 11.95 1.92
CA TYR B 254 -3.43 10.73 2.66
C TYR B 254 -4.92 10.69 3.02
N ARG B 255 -5.49 11.83 3.41
CA ARG B 255 -6.89 11.86 3.80
C ARG B 255 -7.85 11.70 2.62
N ALA B 256 -7.38 11.98 1.39
CA ALA B 256 -8.25 11.94 0.23
C ALA B 256 -8.48 10.53 -0.30
N VAL B 257 -7.77 9.53 0.23
CA VAL B 257 -7.86 8.17 -0.29
C VAL B 257 -9.06 7.48 0.34
N GLN B 258 -10.00 7.06 -0.50
CA GLN B 258 -11.20 6.42 -0.01
C GLN B 258 -11.10 4.91 -0.17
N PRO B 259 -11.80 4.15 0.69
CA PRO B 259 -11.67 2.67 0.63
C PRO B 259 -12.12 2.06 -0.70
N SER B 260 -12.88 2.78 -1.52
CA SER B 260 -13.27 2.24 -2.82
C SER B 260 -12.08 2.07 -3.76
N GLU B 261 -10.90 2.56 -3.36
CA GLU B 261 -9.70 2.50 -4.18
C GLU B 261 -8.72 1.43 -3.72
N LEU B 262 -9.03 0.71 -2.65
CA LEU B 262 -8.17 -0.34 -2.13
C LEU B 262 -8.82 -1.71 -2.15
N VAL B 263 -10.10 -1.80 -1.80
CA VAL B 263 -10.78 -3.10 -1.77
C VAL B 263 -10.72 -3.74 -3.15
N GLY B 264 -10.44 -5.04 -3.18
CA GLY B 264 -10.27 -5.76 -4.42
C GLY B 264 -8.90 -5.62 -5.06
N SER B 265 -7.94 -5.03 -4.36
CA SER B 265 -6.59 -4.80 -4.89
C SER B 265 -6.63 -4.01 -6.20
N VAL B 266 -7.64 -3.15 -6.33
CA VAL B 266 -7.95 -2.54 -7.61
C VAL B 266 -6.85 -1.61 -8.10
N TRP B 267 -5.95 -1.17 -7.22
CA TRP B 267 -4.86 -0.30 -7.63
C TRP B 267 -3.72 -1.06 -8.30
N THR B 268 -3.75 -2.40 -8.31
CA THR B 268 -2.73 -3.20 -8.96
C THR B 268 -3.19 -3.75 -10.30
N LYS B 269 -4.46 -3.55 -10.67
CA LYS B 269 -5.00 -4.11 -11.90
C LYS B 269 -4.89 -3.09 -13.03
N GLU B 270 -5.35 -3.49 -14.23
CA GLU B 270 -5.09 -2.69 -15.42
C GLU B 270 -5.82 -1.36 -15.42
N ASP B 271 -6.97 -1.28 -14.75
CA ASP B 271 -7.75 -0.05 -14.64
C ASP B 271 -7.44 0.72 -13.37
N LYS B 272 -6.18 0.68 -12.91
CA LYS B 272 -5.83 1.34 -11.66
C LYS B 272 -5.95 2.86 -11.76
N GLU B 273 -5.64 3.42 -12.93
CA GLU B 273 -5.74 4.87 -13.09
C GLU B 273 -7.17 5.36 -12.88
N ILE B 274 -8.16 4.52 -13.23
CA ILE B 274 -9.55 4.91 -13.13
C ILE B 274 -10.06 4.74 -11.69
N ASN B 275 -9.78 3.59 -11.08
CA ASN B 275 -10.38 3.23 -9.81
C ASN B 275 -9.56 3.65 -8.60
N SER B 276 -8.32 4.11 -8.78
CA SER B 276 -7.49 4.50 -7.63
C SER B 276 -6.75 5.80 -7.89
N PRO B 277 -7.43 6.85 -8.34
CA PRO B 277 -6.70 8.07 -8.72
C PRO B 277 -6.03 8.77 -7.56
N ASN B 278 -6.68 8.82 -6.40
CA ASN B 278 -6.11 9.53 -5.25
C ASN B 278 -4.91 8.78 -4.67
N LEU B 279 -5.02 7.46 -4.56
CA LEU B 279 -3.90 6.66 -4.06
C LEU B 279 -2.66 6.86 -4.91
N LEU B 280 -2.81 6.70 -6.23
CA LEU B 280 -1.69 6.91 -7.14
C LEU B 280 -1.20 8.35 -7.09
N LYS B 281 -2.09 9.32 -6.91
CA LYS B 281 -1.66 10.71 -6.78
C LYS B 281 -0.72 10.88 -5.59
N MET B 282 -1.10 10.31 -4.45
CA MET B 282 -0.25 10.42 -3.26
C MET B 282 1.07 9.69 -3.44
N ILE B 283 1.02 8.47 -3.96
CA ILE B 283 2.25 7.70 -4.14
C ILE B 283 3.19 8.41 -5.10
N ARG B 284 2.65 8.96 -6.18
CA ARG B 284 3.49 9.72 -7.11
C ARG B 284 4.06 10.95 -6.44
N HIS B 285 3.30 11.60 -5.55
CA HIS B 285 3.86 12.75 -4.84
C HIS B 285 5.08 12.34 -4.02
N THR B 286 4.96 11.27 -3.24
CA THR B 286 6.09 10.89 -2.40
C THR B 286 7.28 10.44 -3.25
N THR B 287 7.03 9.70 -4.33
CA THR B 287 8.12 9.33 -5.22
C THR B 287 8.80 10.55 -5.80
N ASN B 288 8.01 11.50 -6.28
CA ASN B 288 8.54 12.72 -6.87
C ASN B 288 9.42 13.46 -5.87
N LEU B 289 9.03 13.46 -4.58
CA LEU B 289 9.83 14.21 -3.62
C LEU B 289 11.12 13.47 -3.27
N THR B 290 11.08 12.14 -3.15
CA THR B 290 12.32 11.40 -3.00
C THR B 290 13.29 11.73 -4.14
N LEU B 291 12.79 11.71 -5.37
CA LEU B 291 13.64 11.99 -6.52
C LEU B 291 14.18 13.42 -6.47
N TRP B 292 13.36 14.38 -6.03
CA TRP B 292 13.82 15.75 -5.89
C TRP B 292 14.95 15.85 -4.88
N PHE B 293 14.85 15.12 -3.77
CA PHE B 293 15.94 15.12 -2.79
C PHE B 293 17.23 14.60 -3.41
N GLU B 294 17.16 13.44 -4.07
CA GLU B 294 18.36 12.91 -4.72
C GLU B 294 18.93 13.92 -5.71
N LYS B 295 18.05 14.59 -6.47
CA LYS B 295 18.48 15.52 -7.50
C LYS B 295 19.13 16.76 -6.90
N CYS B 296 18.66 17.20 -5.74
CA CYS B 296 19.32 18.32 -5.06
C CYS B 296 20.69 17.91 -4.55
N ILE B 297 20.82 16.69 -4.02
CA ILE B 297 22.13 16.26 -3.52
C ILE B 297 23.12 16.15 -4.67
N VAL B 298 22.75 15.38 -5.69
CA VAL B 298 23.73 14.97 -6.69
C VAL B 298 24.06 16.11 -7.66
N GLU B 299 23.08 16.97 -7.98
CA GLU B 299 23.39 18.08 -8.88
C GLU B 299 24.17 19.19 -8.19
N THR B 300 24.36 19.09 -6.88
CA THR B 300 25.20 20.03 -6.14
C THR B 300 26.61 19.45 -6.15
N GLU B 301 27.39 19.88 -7.14
CA GLU B 301 28.68 19.26 -7.43
C GLU B 301 29.78 19.71 -6.50
N ASN B 302 29.65 20.88 -5.89
CA ASN B 302 30.63 21.35 -4.90
C ASN B 302 30.38 20.64 -3.58
N LEU B 303 31.44 20.04 -3.02
CA LEU B 303 31.28 19.21 -1.83
C LEU B 303 30.78 20.04 -0.64
N GLU B 304 31.27 21.26 -0.49
CA GLU B 304 30.81 22.14 0.59
C GLU B 304 29.30 22.31 0.53
N GLU B 305 28.80 22.90 -0.56
CA GLU B 305 27.37 23.06 -0.75
C GLU B 305 26.63 21.73 -0.66
N ARG B 306 27.27 20.63 -1.06
CA ARG B 306 26.59 19.34 -1.06
C ARG B 306 26.35 18.85 0.37
N VAL B 307 27.34 19.00 1.25
CA VAL B 307 27.09 18.67 2.64
C VAL B 307 26.04 19.62 3.21
N ALA B 308 26.04 20.88 2.77
CA ALA B 308 24.97 21.79 3.19
C ALA B 308 23.60 21.20 2.85
N VAL B 309 23.44 20.74 1.62
CA VAL B 309 22.17 20.20 1.15
C VAL B 309 21.77 18.98 1.98
N VAL B 310 22.71 18.04 2.15
CA VAL B 310 22.42 16.83 2.92
C VAL B 310 22.01 17.19 4.34
N SER B 311 22.66 18.19 4.93
CA SER B 311 22.34 18.59 6.30
C SER B 311 20.93 19.16 6.38
N ARG B 312 20.56 20.06 5.46
CA ARG B 312 19.20 20.59 5.48
C ARG B 312 18.18 19.48 5.33
N ILE B 313 18.49 18.49 4.49
CA ILE B 313 17.55 17.40 4.31
C ILE B 313 17.40 16.59 5.60
N ILE B 314 18.50 16.39 6.33
CA ILE B 314 18.38 15.68 7.60
C ILE B 314 17.58 16.50 8.61
N GLU B 315 17.69 17.84 8.55
CA GLU B 315 16.89 18.68 9.44
C GLU B 315 15.40 18.55 9.12
N ILE B 316 15.06 18.59 7.83
CA ILE B 316 13.67 18.36 7.42
C ILE B 316 13.20 16.99 7.92
N LEU B 317 14.07 15.99 7.88
CA LEU B 317 13.72 14.68 8.44
C LEU B 317 13.42 14.79 9.94
N GLN B 318 14.20 15.60 10.66
CA GLN B 318 13.90 15.82 12.07
C GLN B 318 12.51 16.41 12.27
N VAL B 319 12.18 17.44 11.49
CA VAL B 319 10.87 18.06 11.64
C VAL B 319 9.76 17.07 11.27
N PHE B 320 10.01 16.21 10.29
CA PHE B 320 9.05 15.16 9.96
C PHE B 320 8.84 14.23 11.14
N GLN B 321 9.94 13.76 11.74
CA GLN B 321 9.86 12.90 12.92
C GLN B 321 9.01 13.55 14.00
N GLU B 322 9.15 14.87 14.16
CA GLU B 322 8.39 15.57 15.19
C GLU B 322 6.91 15.67 14.83
N LEU B 323 6.59 16.12 13.62
CA LEU B 323 5.21 16.24 13.15
C LEU B 323 4.56 14.89 12.88
N ASN B 324 5.22 13.79 13.25
CA ASN B 324 4.69 12.44 13.06
C ASN B 324 4.31 12.19 11.61
N ASN B 325 5.08 12.77 10.68
CA ASN B 325 4.86 12.58 9.25
C ASN B 325 5.78 11.46 8.79
N PHE B 326 5.32 10.22 8.92
CA PHE B 326 6.21 9.11 8.62
C PHE B 326 6.36 8.90 7.12
N ASN B 327 5.36 9.31 6.33
CA ASN B 327 5.50 9.28 4.88
C ASN B 327 6.71 10.12 4.44
N GLY B 328 6.86 11.32 5.00
CA GLY B 328 8.01 12.15 4.66
C GLY B 328 9.32 11.60 5.20
N VAL B 329 9.30 11.02 6.41
CA VAL B 329 10.49 10.35 6.91
C VAL B 329 10.97 9.31 5.92
N LEU B 330 10.05 8.47 5.44
CA LEU B 330 10.44 7.44 4.48
C LEU B 330 10.89 8.07 3.16
N GLU B 331 10.24 9.16 2.73
CA GLU B 331 10.77 9.88 1.57
C GLU B 331 12.26 10.14 1.74
N VAL B 332 12.62 10.75 2.87
CA VAL B 332 14.00 11.16 3.08
C VAL B 332 14.92 9.95 3.15
N VAL B 333 14.54 8.94 3.95
CA VAL B 333 15.46 7.82 4.13
C VAL B 333 15.54 6.96 2.88
N SER B 334 14.54 7.00 2.01
CA SER B 334 14.68 6.37 0.70
C SER B 334 15.65 7.16 -0.16
N ALA B 335 15.52 8.49 -0.18
CA ALA B 335 16.51 9.29 -0.90
C ALA B 335 17.92 8.98 -0.42
N MET B 336 18.10 8.70 0.88
CA MET B 336 19.44 8.38 1.38
C MET B 336 19.88 6.98 0.98
N ASN B 337 18.94 6.03 0.92
CA ASN B 337 19.26 4.64 0.58
C ASN B 337 19.38 4.41 -0.92
N SER B 338 19.23 5.44 -1.74
CA SER B 338 19.29 5.23 -3.18
C SER B 338 20.73 4.96 -3.61
N SER B 339 20.86 4.37 -4.80
CA SER B 339 22.20 4.13 -5.35
C SER B 339 23.01 5.41 -5.45
N PRO B 340 22.52 6.46 -6.09
CA PRO B 340 23.37 7.65 -6.33
C PRO B 340 23.84 8.32 -5.05
N VAL B 341 23.10 8.19 -3.95
CA VAL B 341 23.40 8.96 -2.75
C VAL B 341 24.11 8.10 -1.71
N TYR B 342 23.76 6.81 -1.63
CA TYR B 342 24.30 5.97 -0.57
C TYR B 342 25.82 5.81 -0.63
N ARG B 343 26.44 6.11 -1.77
CA ARG B 343 27.87 5.88 -1.96
C ARG B 343 28.70 7.15 -1.88
N LEU B 344 28.08 8.29 -1.54
CA LEU B 344 28.80 9.56 -1.42
C LEU B 344 29.52 9.60 -0.06
N ASP B 345 30.58 8.80 0.04
CA ASP B 345 31.33 8.68 1.30
C ASP B 345 31.93 10.01 1.72
N HIS B 346 32.56 10.72 0.78
CA HIS B 346 33.19 11.99 1.09
C HIS B 346 32.21 13.06 1.56
N THR B 347 30.91 12.89 1.27
CA THR B 347 29.91 13.86 1.71
C THR B 347 29.39 13.53 3.10
N PHE B 348 29.05 12.26 3.35
CA PHE B 348 28.63 11.85 4.70
C PHE B 348 29.76 11.96 5.71
N GLU B 349 31.02 11.94 5.26
CA GLU B 349 32.14 12.16 6.17
C GLU B 349 31.95 13.45 6.98
N GLN B 350 31.69 14.56 6.28
CA GLN B 350 31.55 15.88 6.90
C GLN B 350 30.19 16.12 7.54
N ILE B 351 29.35 15.10 7.69
CA ILE B 351 28.05 15.30 8.34
C ILE B 351 28.25 15.22 9.86
N PRO B 352 27.75 16.20 10.62
CA PRO B 352 27.88 16.13 12.08
C PRO B 352 27.32 14.82 12.62
N SER B 353 27.89 14.38 13.74
CA SER B 353 27.51 13.08 14.30
C SER B 353 26.08 13.13 14.85
N ARG B 354 25.68 14.27 15.44
CA ARG B 354 24.35 14.37 16.01
C ARG B 354 23.26 14.20 14.95
N GLN B 355 23.55 14.59 13.70
CA GLN B 355 22.64 14.35 12.59
C GLN B 355 22.77 12.96 12.00
N LYS B 356 23.99 12.40 12.02
CA LYS B 356 24.14 11.00 11.66
C LYS B 356 23.25 10.12 12.52
N LYS B 357 23.18 10.41 13.83
CA LYS B 357 22.33 9.56 14.66
C LYS B 357 20.85 9.79 14.38
N ILE B 358 20.48 11.02 14.02
CA ILE B 358 19.10 11.29 13.63
C ILE B 358 18.72 10.44 12.43
N LEU B 359 19.56 10.46 11.40
CA LEU B 359 19.30 9.69 10.19
C LEU B 359 19.33 8.18 10.46
N GLU B 360 20.20 7.74 11.37
CA GLU B 360 20.26 6.31 11.69
C GLU B 360 19.01 5.86 12.43
N GLU B 361 18.55 6.68 13.38
CA GLU B 361 17.30 6.40 14.08
C GLU B 361 16.13 6.35 13.10
N ALA B 362 16.12 7.27 12.13
CA ALA B 362 15.07 7.24 11.10
C ALA B 362 15.16 5.94 10.30
N HIS B 363 16.36 5.58 9.84
CA HIS B 363 16.50 4.39 9.00
C HIS B 363 16.09 3.13 9.74
N GLU B 364 16.43 3.03 11.02
CA GLU B 364 16.09 1.82 11.76
C GLU B 364 14.59 1.58 11.83
N LEU B 365 13.75 2.58 11.48
CA LEU B 365 12.31 2.40 11.57
C LEU B 365 11.82 1.33 10.61
N SER B 366 12.45 1.18 9.45
CA SER B 366 12.02 0.25 8.42
C SER B 366 12.57 -1.15 8.60
N GLU B 367 13.55 -1.34 9.48
CA GLU B 367 14.22 -2.62 9.55
C GLU B 367 13.29 -3.70 10.13
N ASP B 368 13.68 -4.95 9.87
CA ASP B 368 12.93 -6.14 10.23
C ASP B 368 11.44 -5.96 9.93
N HIS B 369 11.17 -5.60 8.68
CA HIS B 369 9.81 -5.45 8.18
C HIS B 369 9.05 -4.36 8.94
N TYR B 370 9.71 -3.21 9.08
CA TYR B 370 9.08 -2.02 9.65
C TYR B 370 8.64 -2.24 11.10
N LYS B 371 9.45 -3.00 11.86
CA LYS B 371 9.02 -3.31 13.22
C LYS B 371 8.86 -2.04 14.05
N LYS B 372 9.90 -1.22 14.09
CA LYS B 372 9.86 0.01 14.86
C LYS B 372 8.87 1.02 14.30
N TYR B 373 8.62 1.01 12.99
CA TYR B 373 7.58 1.89 12.46
C TYR B 373 6.22 1.49 12.98
N LEU B 374 5.89 0.20 12.91
CA LEU B 374 4.60 -0.22 13.45
C LEU B 374 4.47 0.18 14.91
N ALA B 375 5.53 -0.09 15.70
CA ALA B 375 5.53 0.31 17.11
C ALA B 375 5.25 1.81 17.27
N LYS B 376 6.10 2.65 16.67
CA LYS B 376 5.99 4.10 16.87
C LYS B 376 4.64 4.61 16.40
N LEU B 377 4.12 4.08 15.30
CA LEU B 377 2.81 4.52 14.83
C LEU B 377 1.73 4.16 15.83
N ARG B 378 1.78 2.95 16.40
CA ARG B 378 0.78 2.60 17.38
C ARG B 378 0.94 3.41 18.67
N SER B 379 2.13 3.95 18.92
CA SER B 379 2.35 4.70 20.17
C SER B 379 1.99 6.18 20.05
N ILE B 380 2.32 6.83 18.93
CA ILE B 380 2.18 8.29 18.84
C ILE B 380 0.71 8.70 18.92
N ASN B 381 0.49 9.98 19.21
CA ASN B 381 -0.85 10.56 19.20
C ASN B 381 -1.05 11.36 17.92
N PRO B 382 -2.07 11.06 17.12
CA PRO B 382 -2.29 11.83 15.89
C PRO B 382 -2.55 13.29 16.19
N PRO B 383 -2.59 14.16 15.17
CA PRO B 383 -2.52 13.82 13.74
C PRO B 383 -1.17 13.28 13.29
N CYS B 384 -1.19 12.49 12.22
CA CYS B 384 0.04 11.95 11.66
C CYS B 384 -0.24 11.49 10.23
N VAL B 385 0.82 11.46 9.44
CA VAL B 385 0.75 10.92 8.07
C VAL B 385 1.43 9.56 8.06
N PRO B 386 0.70 8.47 8.26
CA PRO B 386 1.32 7.15 8.23
C PRO B 386 1.75 6.77 6.82
N PHE B 387 2.55 5.70 6.74
CA PHE B 387 3.03 5.19 5.46
C PHE B 387 2.07 4.15 4.91
N PHE B 388 1.70 4.33 3.63
CA PHE B 388 0.63 3.58 2.99
C PHE B 388 1.06 2.22 2.44
N GLY B 389 2.30 2.13 1.96
CA GLY B 389 2.75 0.90 1.32
C GLY B 389 2.51 -0.34 2.16
N ILE B 390 2.71 -0.23 3.47
CA ILE B 390 2.52 -1.40 4.35
C ILE B 390 1.07 -1.87 4.28
N TYR B 391 0.13 -0.93 4.45
CA TYR B 391 -1.28 -1.26 4.32
C TYR B 391 -1.56 -1.94 3.00
N LEU B 392 -1.03 -1.39 1.91
CA LEU B 392 -1.35 -1.96 0.60
C LEU B 392 -0.79 -3.36 0.45
N THR B 393 0.45 -3.58 0.90
CA THR B 393 1.02 -4.93 0.85
C THR B 393 0.14 -5.92 1.61
N ASN B 394 -0.26 -5.54 2.83
CA ASN B 394 -1.09 -6.44 3.64
C ASN B 394 -2.43 -6.73 2.97
N ILE B 395 -3.07 -5.71 2.40
CA ILE B 395 -4.37 -5.92 1.76
C ILE B 395 -4.22 -6.87 0.58
N LEU B 396 -3.26 -6.59 -0.30
CA LEU B 396 -3.07 -7.43 -1.47
C LEU B 396 -2.77 -8.87 -1.06
N LYS B 397 -1.92 -9.06 -0.06
CA LYS B 397 -1.57 -10.42 0.33
C LYS B 397 -2.73 -11.15 1.00
N THR B 398 -3.57 -10.45 1.76
CA THR B 398 -4.75 -11.12 2.30
C THR B 398 -5.71 -11.54 1.19
N GLU B 399 -5.94 -10.66 0.22
CA GLU B 399 -6.92 -10.98 -0.82
C GLU B 399 -6.42 -12.06 -1.77
N GLU B 400 -5.13 -12.05 -2.12
CA GLU B 400 -4.59 -13.05 -3.03
C GLU B 400 -3.97 -14.23 -2.32
N GLY B 401 -4.01 -14.27 -0.99
CA GLY B 401 -3.41 -15.36 -0.24
C GLY B 401 -4.42 -16.22 0.49
N ASN B 402 -5.68 -15.78 0.50
CA ASN B 402 -6.78 -16.52 1.12
C ASN B 402 -7.82 -16.89 0.07
N PRO B 403 -8.46 -18.06 0.22
CA PRO B 403 -9.38 -18.51 -0.82
C PRO B 403 -10.60 -17.62 -0.93
N GLU B 404 -11.12 -17.51 -2.16
CA GLU B 404 -12.26 -16.64 -2.38
C GLU B 404 -13.55 -17.30 -1.87
N VAL B 405 -13.58 -18.62 -1.80
CA VAL B 405 -14.72 -19.36 -1.29
C VAL B 405 -14.22 -20.57 -0.50
N LEU B 406 -14.99 -20.94 0.51
CA LEU B 406 -14.81 -22.21 1.19
C LEU B 406 -15.80 -23.20 0.60
N LYS B 407 -15.50 -24.49 0.73
CA LYS B 407 -16.36 -25.53 0.19
C LYS B 407 -16.69 -26.53 1.30
N ARG B 408 -17.99 -26.83 1.44
CA ARG B 408 -18.45 -27.74 2.48
C ARG B 408 -19.55 -28.63 1.89
N HIS B 409 -19.36 -29.94 2.02
CA HIS B 409 -20.32 -30.91 1.50
C HIS B 409 -20.54 -30.73 0.00
N GLY B 410 -19.53 -30.20 -0.69
CA GLY B 410 -19.62 -29.96 -2.12
C GLY B 410 -20.34 -28.68 -2.50
N LYS B 411 -20.64 -27.83 -1.52
CA LYS B 411 -21.35 -26.57 -1.75
C LYS B 411 -20.38 -25.41 -1.52
N GLU B 412 -20.48 -24.40 -2.38
CA GLU B 412 -19.57 -23.25 -2.37
C GLU B 412 -20.17 -22.14 -1.51
N LEU B 413 -19.40 -21.69 -0.52
CA LEU B 413 -19.81 -20.64 0.40
C LEU B 413 -18.84 -19.48 0.33
N ILE B 414 -19.37 -18.26 0.26
CA ILE B 414 -18.55 -17.07 0.14
C ILE B 414 -17.75 -16.88 1.44
N ASN B 415 -16.42 -16.95 1.33
CA ASN B 415 -15.53 -16.72 2.47
C ASN B 415 -15.56 -15.24 2.84
N PHE B 416 -16.19 -14.91 3.98
CA PHE B 416 -16.32 -13.53 4.40
C PHE B 416 -15.19 -13.08 5.34
N SER B 417 -14.57 -14.02 6.06
CA SER B 417 -13.47 -13.66 6.96
C SER B 417 -12.42 -12.83 6.24
N LYS B 418 -11.99 -13.28 5.06
CA LYS B 418 -11.02 -12.52 4.27
C LYS B 418 -11.48 -11.08 4.07
N ARG B 419 -12.75 -10.91 3.67
CA ARG B 419 -13.30 -9.58 3.48
C ARG B 419 -13.28 -8.78 4.77
N ARG B 420 -13.54 -9.43 5.91
CA ARG B 420 -13.51 -8.71 7.19
C ARG B 420 -12.10 -8.23 7.51
N LYS B 421 -11.09 -9.06 7.25
CA LYS B 421 -9.72 -8.61 7.53
C LYS B 421 -9.36 -7.41 6.66
N VAL B 422 -9.69 -7.48 5.36
CA VAL B 422 -9.39 -6.33 4.52
C VAL B 422 -10.13 -5.09 5.02
N ALA B 423 -11.37 -5.28 5.49
CA ALA B 423 -12.12 -4.14 6.04
C ALA B 423 -11.45 -3.57 7.28
N GLU B 424 -10.84 -4.43 8.11
CA GLU B 424 -10.09 -3.95 9.26
C GLU B 424 -8.94 -3.04 8.82
N ILE B 425 -8.20 -3.46 7.81
CA ILE B 425 -7.09 -2.63 7.36
C ILE B 425 -7.60 -1.29 6.84
N THR B 426 -8.72 -1.34 6.10
CA THR B 426 -9.35 -0.11 5.64
C THR B 426 -9.72 0.81 6.80
N GLY B 427 -10.29 0.23 7.86
CA GLY B 427 -10.67 1.03 9.00
C GLY B 427 -9.48 1.67 9.69
N GLU B 428 -8.37 0.94 9.79
CA GLU B 428 -7.19 1.54 10.39
C GLU B 428 -6.65 2.67 9.52
N ILE B 429 -6.77 2.55 8.20
CA ILE B 429 -6.43 3.69 7.34
C ILE B 429 -7.32 4.88 7.66
N GLN B 430 -8.63 4.66 7.73
CA GLN B 430 -9.56 5.77 7.95
C GLN B 430 -9.40 6.39 9.34
N GLN B 431 -8.87 5.63 10.31
CA GLN B 431 -8.68 6.16 11.65
C GLN B 431 -7.80 7.39 11.65
N TYR B 432 -6.63 7.31 11.01
CA TYR B 432 -5.67 8.41 11.03
C TYR B 432 -6.05 9.56 10.11
N GLN B 433 -7.14 9.46 9.36
CA GLN B 433 -7.56 10.52 8.46
C GLN B 433 -8.41 11.57 9.14
N ASN B 434 -8.67 11.45 10.44
CA ASN B 434 -9.61 12.35 11.10
C ASN B 434 -8.93 13.66 11.50
N GLN B 435 -8.01 13.60 12.46
CA GLN B 435 -7.46 14.82 13.05
C GLN B 435 -6.55 15.52 12.05
N PRO B 436 -6.81 16.78 11.72
CA PRO B 436 -5.91 17.50 10.81
C PRO B 436 -4.73 18.11 11.55
N TYR B 437 -3.90 18.86 10.82
CA TYR B 437 -2.69 19.46 11.39
C TYR B 437 -2.97 20.92 11.74
N CYS B 438 -2.56 21.31 12.96
CA CYS B 438 -2.67 22.69 13.41
C CYS B 438 -1.46 23.47 12.90
N LEU B 439 -1.47 23.73 11.58
CA LEU B 439 -0.38 24.45 10.94
C LEU B 439 -0.95 25.30 9.82
N ARG B 440 -0.54 26.56 9.76
CA ARG B 440 -1.00 27.46 8.71
C ARG B 440 -0.39 27.10 7.37
N VAL B 441 -1.21 27.07 6.34
CA VAL B 441 -0.74 26.83 4.98
C VAL B 441 -0.23 28.13 4.39
N GLU B 442 0.91 28.05 3.70
CA GLU B 442 1.36 29.12 2.83
C GLU B 442 1.08 28.70 1.38
N SER B 443 0.32 29.51 0.67
CA SER B 443 -0.19 29.09 -0.63
C SER B 443 0.96 28.85 -1.63
N ASP B 444 1.96 29.73 -1.63
CA ASP B 444 2.97 29.70 -2.68
C ASP B 444 4.05 28.65 -2.44
N ILE B 445 4.40 28.37 -1.18
CA ILE B 445 5.32 27.27 -0.89
C ILE B 445 4.67 25.94 -1.25
N LYS B 446 3.40 25.77 -0.88
CA LYS B 446 2.63 24.60 -1.29
C LYS B 446 2.60 24.49 -2.82
N ARG B 447 2.38 25.60 -3.51
CA ARG B 447 2.36 25.57 -4.97
C ARG B 447 3.74 25.30 -5.55
N PHE B 448 4.81 25.62 -4.83
CA PHE B 448 6.15 25.24 -5.24
C PHE B 448 6.32 23.73 -5.17
N PHE B 449 5.94 23.12 -4.05
CA PHE B 449 6.09 21.67 -3.93
C PHE B 449 5.04 20.90 -4.72
N GLU B 450 4.01 21.56 -5.24
CA GLU B 450 3.04 20.85 -6.07
C GLU B 450 3.48 20.76 -7.52
N ASN B 451 4.24 21.74 -8.00
CA ASN B 451 4.69 21.80 -9.39
C ASN B 451 6.16 21.43 -9.52
N LEU B 452 6.71 20.68 -8.57
CA LEU B 452 8.07 20.20 -8.68
C LEU B 452 8.11 18.96 -9.57
N ASN B 453 8.95 18.99 -10.60
CA ASN B 453 9.07 17.90 -11.56
C ASN B 453 10.55 17.58 -11.75
N PRO B 454 11.14 16.81 -10.85
CA PRO B 454 12.57 16.46 -11.01
C PRO B 454 12.86 15.73 -12.30
N MET B 455 11.97 14.82 -12.72
CA MET B 455 12.23 14.04 -13.92
C MET B 455 12.13 14.89 -15.18
N GLY B 456 11.22 15.86 -15.19
CA GLY B 456 11.04 16.64 -16.40
C GLY B 456 10.42 15.80 -17.49
N ASN B 457 10.97 15.91 -18.70
CA ASN B 457 10.52 15.12 -19.83
C ASN B 457 11.21 13.76 -19.93
N SER B 458 12.13 13.46 -19.02
CA SER B 458 12.87 12.20 -19.07
C SER B 458 12.01 11.06 -18.53
N MET B 459 12.46 9.84 -18.75
CA MET B 459 11.79 8.64 -18.27
C MET B 459 12.54 8.07 -17.07
N GLU B 460 11.94 7.04 -16.46
CA GLU B 460 12.49 6.49 -15.23
C GLU B 460 13.96 6.07 -15.43
N LYS B 461 14.24 5.23 -16.43
CA LYS B 461 15.60 4.73 -16.57
C LYS B 461 16.56 5.83 -16.98
N GLU B 462 16.19 6.63 -17.98
CA GLU B 462 17.03 7.75 -18.40
C GLU B 462 17.43 8.61 -17.20
N PHE B 463 16.45 8.97 -16.36
CA PHE B 463 16.71 9.89 -15.26
C PHE B 463 17.49 9.23 -14.13
N THR B 464 17.15 7.98 -13.78
CA THR B 464 17.93 7.23 -12.81
C THR B 464 19.39 7.13 -13.22
N ASP B 465 19.63 6.81 -14.49
CA ASP B 465 21.01 6.73 -14.97
C ASP B 465 21.68 8.09 -14.93
N TYR B 466 20.95 9.16 -15.26
CA TYR B 466 21.53 10.49 -15.12
C TYR B 466 21.99 10.74 -13.69
N LEU B 467 21.16 10.35 -12.72
CA LEU B 467 21.52 10.59 -11.32
C LEU B 467 22.76 9.79 -10.92
N PHE B 468 22.79 8.50 -11.28
CA PHE B 468 23.93 7.67 -10.89
C PHE B 468 25.21 8.15 -11.58
N ASN B 469 25.12 8.55 -12.85
CA ASN B 469 26.31 9.06 -13.53
C ASN B 469 26.75 10.38 -12.94
N LYS B 470 25.81 11.24 -12.52
CA LYS B 470 26.22 12.47 -11.84
C LYS B 470 26.92 12.16 -10.53
N SER B 471 26.43 11.16 -9.79
CA SER B 471 27.13 10.72 -8.58
C SER B 471 28.55 10.29 -8.90
N LEU B 472 28.72 9.46 -9.95
CA LEU B 472 30.07 9.08 -10.36
C LEU B 472 30.92 10.29 -10.71
N GLU B 473 30.31 11.32 -11.30
CA GLU B 473 31.07 12.51 -11.70
C GLU B 473 31.55 13.28 -10.48
N ILE B 474 30.67 13.50 -9.50
CA ILE B 474 31.03 14.34 -8.35
C ILE B 474 31.87 13.58 -7.33
N GLU B 475 31.85 12.25 -7.34
CA GLU B 475 32.66 11.45 -6.43
C GLU B 475 33.05 10.15 -7.14
N PRO B 476 34.11 10.19 -7.94
CA PRO B 476 34.53 8.99 -8.68
C PRO B 476 34.95 7.86 -7.74
N ARG B 477 35.01 6.65 -8.30
CA ARG B 477 35.35 5.48 -7.52
C ARG B 477 36.79 5.56 -7.01
N ASN B 478 37.07 4.75 -5.99
CA ASN B 478 38.23 4.84 -5.10
C ASN B 478 39.52 5.28 -5.78
N PRO B 479 40.06 4.51 -6.72
CA PRO B 479 41.42 4.81 -7.22
C PRO B 479 41.59 6.22 -7.76
N LYS B 480 40.52 6.85 -8.22
CA LYS B 480 40.60 8.18 -8.81
C LYS B 480 40.45 9.25 -7.73
N PRO B 481 41.21 10.34 -7.80
CA PRO B 481 41.09 11.39 -6.78
C PRO B 481 39.83 12.21 -6.97
N LEU B 482 39.35 12.76 -5.87
CA LEU B 482 38.11 13.53 -5.88
C LEU B 482 38.34 14.90 -6.51
N PRO B 483 37.85 15.15 -7.72
CA PRO B 483 37.99 16.48 -8.29
C PRO B 483 37.09 17.47 -7.57
N ARG B 484 37.52 18.72 -7.49
CA ARG B 484 36.74 19.76 -6.85
C ARG B 484 36.04 20.59 -7.92
N PHE B 485 34.85 21.07 -7.58
CA PHE B 485 33.97 21.78 -8.50
C PHE B 485 33.71 23.20 -8.00
N PRO B 486 33.28 24.11 -8.87
CA PRO B 486 32.95 25.47 -8.44
C PRO B 486 31.66 25.50 -7.63
N LYS B 487 31.39 26.65 -7.03
CA LYS B 487 30.20 26.82 -6.20
C LYS B 487 28.97 27.11 -7.07
N LYS B 488 27.82 26.64 -6.59
CA LYS B 488 26.56 26.78 -7.31
C LYS B 488 25.70 27.92 -6.75
N TYR B 489 25.53 27.95 -5.44
CA TYR B 489 24.63 28.89 -4.76
C TYR B 489 25.40 30.11 -4.28
N SER B 490 24.93 31.30 -4.69
CA SER B 490 25.54 32.58 -4.31
C SER B 490 24.87 33.21 -3.08
N TYR B 491 24.38 32.40 -2.16
CA TYR B 491 23.81 32.86 -0.91
C TYR B 491 24.35 32.01 0.24
N PRO B 492 24.29 32.52 1.47
CA PRO B 492 24.84 31.77 2.60
C PRO B 492 24.21 30.39 2.72
N LEU B 493 24.99 29.46 3.25
CA LEU B 493 24.54 28.08 3.37
C LEU B 493 24.29 27.64 4.82
N LYS B 494 24.43 28.54 5.78
CA LYS B 494 24.23 28.16 7.17
C LYS B 494 22.76 27.88 7.44
N SER B 495 22.48 26.69 7.99
CA SER B 495 21.12 26.34 8.36
C SER B 495 20.62 27.27 9.47
N PRO B 496 19.42 27.83 9.36
CA PRO B 496 18.92 28.71 10.41
C PRO B 496 18.37 27.93 11.61
N GLY B 497 18.98 26.78 11.88
CA GLY B 497 18.51 25.93 12.96
C GLY B 497 17.21 25.24 12.61
N VAL B 498 16.75 24.41 13.54
CA VAL B 498 15.51 23.67 13.34
C VAL B 498 14.61 23.83 14.55
N ARG B 499 14.90 24.80 15.41
CA ARG B 499 14.03 25.13 16.52
C ARG B 499 13.36 26.47 16.25
N PRO B 500 12.03 26.57 16.47
CA PRO B 500 11.29 27.76 16.00
C PRO B 500 11.72 29.07 16.66
N SER B 501 11.05 30.15 16.28
CA SER B 501 11.41 31.49 16.76
C SER B 501 10.97 31.73 18.20
N ASN B 502 9.67 31.59 18.46
CA ASN B 502 9.15 31.84 19.81
C ASN B 502 7.78 31.20 20.00
N DAR C 1 27.01 -0.85 9.00
CA DAR C 1 27.16 -0.36 7.66
CB DAR C 1 28.66 -0.33 7.24
CG DAR C 1 28.89 0.11 5.75
CD DAR C 1 28.29 -0.90 4.71
NE DAR C 1 27.76 -0.71 3.36
CZ DAR C 1 28.04 -1.70 2.30
NH1 DAR C 1 28.75 -2.70 2.57
NH2 DAR C 1 27.52 -1.52 0.96
C DAR C 1 26.58 1.05 7.57
O DAR C 1 26.42 1.73 8.52
H2 DAR C 1 26.65 -0.21 9.51
H DAR C 1 26.47 -1.56 8.99
HA DAR C 1 26.68 -0.94 7.05
HB2 DAR C 1 29.14 0.29 7.82
HB3 DAR C 1 29.04 -1.21 7.36
HG2 DAR C 1 29.84 0.19 5.58
HG3 DAR C 1 28.48 0.98 5.61
HD2 DAR C 1 27.49 -0.39 4.91
HD3 DAR C 1 29.10 -0.65 4.24
HE DAR C 1 27.28 -0.03 3.18
HH11 DAR C 1 28.93 -3.31 1.93
HH21 DAR C 1 27.70 -2.09 0.35
HH22 DAR C 1 27.04 -0.83 0.79
N HIS C 2 26.21 1.54 6.20
CA HIS C 2 25.64 2.85 5.98
C HIS C 2 26.55 4.02 6.40
N PRO C 3 26.95 5.06 5.37
CA PRO C 3 27.86 6.37 5.64
C PRO C 3 27.44 6.98 7.00
N TRP C 4 26.02 6.83 7.45
CA TRP C 4 25.57 7.39 8.75
C TRP C 4 26.06 6.40 9.80
N SER C 5 27.56 6.23 9.97
CA SER C 5 28.15 5.30 10.95
C SER C 5 27.68 5.70 12.37
N VAL C 6 28.46 5.36 13.61
CA VAL C 6 27.88 5.82 14.89
C VAL C 6 28.79 5.68 16.12
N ALA C 7 30.27 5.77 16.13
CA ALA C 7 30.94 5.61 17.44
C ALA C 7 32.46 5.79 17.35
N NH2 C 8 33.13 6.03 16.08
HN1 NH2 C 8 32.67 6.07 15.36
HN2 NH2 C 8 33.98 6.12 16.05
#